data_8Y7L
#
_entry.id   8Y7L
#
_cell.length_a   74.781
_cell.length_b   76.125
_cell.length_c   128.813
_cell.angle_alpha   90.000
_cell.angle_beta   90.000
_cell.angle_gamma   90.000
#
_symmetry.space_group_name_H-M   'P 21 21 21'
#
loop_
_entity.id
_entity.type
_entity.pdbx_description
1 polymer 'Nuclear receptor subfamily 4immunitygroup A member 1'
2 non-polymer (~{E})-~{N}-[4-[2-(4-oxidanylpiperidin-1-yl)pyridin-4-yl]pyridin-2-yl]-3-phenyl-prop-2-enamide
3 water water
#
_entity_poly.entity_id   1
_entity_poly.type   'polypeptide(L)'
_entity_poly.pdbx_seq_one_letter_code
;PANLLTSLVRAHLDSGPSTAKLDYSKFQELVLPHFGKEDAGDVQQFYDLLSGSLEVIRKWAEKIPGFAELSPADQDLLLE
SAFLELFILRLAYRSKPGEGKLIFCSGLVLHRLQCARGFGDWIDSILAFSRSLHSLLVDVPAFACLSALVLITDRHGLQE
PRRVEELQNRIASCLKEHVAAVAGEPQPASCLSRLLGKLPELRTLCTQGLQRIFYLKLEDLVPPPPIIDKIFMDTLPF
;
_entity_poly.pdbx_strand_id   A,B
#
loop_
_chem_comp.id
_chem_comp.type
_chem_comp.name
_chem_comp.formula
A1D59 non-polymer (~{E})-~{N}-[4-[2-(4-oxidanylpiperidin-1-yl)pyridin-4-yl]pyridin-2-yl]-3-phenyl-prop-2-enamide 'C24 H24 N4 O2'
#
# COMPACT_ATOMS: atom_id res chain seq x y z
N ALA A 2 15.00 2.51 40.64
CA ALA A 2 15.41 3.93 40.34
C ALA A 2 14.21 4.87 40.54
N ASN A 3 14.49 6.18 40.75
CA ASN A 3 13.49 7.27 40.64
C ASN A 3 13.08 7.45 39.16
N LEU A 4 13.98 7.16 38.22
CA LEU A 4 13.68 7.31 36.78
C LEU A 4 12.76 6.15 36.37
N LEU A 5 13.15 4.92 36.71
CA LEU A 5 12.32 3.70 36.52
C LEU A 5 10.91 3.95 37.08
N THR A 6 10.78 4.46 38.29
CA THR A 6 9.48 4.74 38.92
C THR A 6 8.73 5.73 38.03
N SER A 7 9.43 6.75 37.53
CA SER A 7 8.81 7.83 36.74
C SER A 7 8.26 7.22 35.44
N LEU A 8 9.07 6.35 34.82
CA LEU A 8 8.77 5.69 33.53
C LEU A 8 7.57 4.74 33.68
N VAL A 9 7.59 3.88 34.73
CA VAL A 9 6.46 2.99 35.11
C VAL A 9 5.20 3.82 35.38
N ARG A 10 5.30 4.88 36.18
CA ARG A 10 4.15 5.78 36.47
C ARG A 10 3.53 6.23 35.13
N ALA A 11 4.34 6.75 34.21
CA ALA A 11 3.87 7.33 32.93
C ALA A 11 3.16 6.25 32.08
N HIS A 12 3.81 5.09 31.88
CA HIS A 12 3.25 3.92 31.16
C HIS A 12 1.89 3.53 31.75
N LEU A 13 1.77 3.30 33.06
CA LEU A 13 0.49 2.84 33.67
C LEU A 13 -0.57 3.94 33.56
N ASP A 14 -0.22 5.22 33.63
CA ASP A 14 -1.22 6.30 33.53
C ASP A 14 -1.67 6.51 32.07
N SER A 15 -1.03 5.90 31.08
CA SER A 15 -1.31 6.16 29.64
C SER A 15 -2.16 5.03 29.03
N GLY A 16 -2.56 4.03 29.83
CA GLY A 16 -3.45 2.96 29.38
C GLY A 16 -4.64 2.83 30.32
N PRO A 17 -5.63 1.97 30.02
CA PRO A 17 -6.70 1.64 30.95
C PRO A 17 -6.28 0.54 31.94
N SER A 18 -6.88 0.52 33.14
CA SER A 18 -6.90 -0.64 34.09
C SER A 18 -8.04 -1.60 33.71
N THR A 19 -8.03 -2.82 34.25
CA THR A 19 -9.09 -3.84 34.02
C THR A 19 -10.46 -3.22 34.34
N ALA A 20 -10.52 -2.21 35.21
CA ALA A 20 -11.77 -1.51 35.59
C ALA A 20 -12.38 -0.78 34.39
N LYS A 21 -11.74 0.27 33.85
CA LYS A 21 -12.35 1.18 32.83
CA LYS A 21 -12.38 1.17 32.84
C LYS A 21 -12.22 0.60 31.42
N LEU A 22 -12.02 -0.74 31.28
CA LEU A 22 -12.14 -1.52 30.00
C LEU A 22 -13.61 -1.43 29.53
N ASP A 23 -13.84 -0.93 28.31
CA ASP A 23 -15.17 -0.53 27.78
C ASP A 23 -15.60 -1.52 26.69
N TYR A 24 -16.64 -2.30 27.02
CA TYR A 24 -17.19 -3.39 26.17
C TYR A 24 -18.48 -2.95 25.48
N SER A 25 -18.78 -1.64 25.45
CA SER A 25 -20.05 -1.11 24.87
C SER A 25 -20.12 -1.41 23.39
N LYS A 26 -18.99 -1.48 22.69
CA LYS A 26 -18.96 -1.65 21.21
C LYS A 26 -18.50 -3.07 20.90
N PHE A 27 -18.02 -3.83 21.88
CA PHE A 27 -17.49 -5.19 21.62
C PHE A 27 -18.62 -6.07 21.08
N GLN A 28 -18.40 -6.66 19.90
CA GLN A 28 -19.30 -7.69 19.30
C GLN A 28 -18.44 -8.91 19.02
N GLU A 29 -18.71 -9.98 19.76
CA GLU A 29 -18.05 -11.31 19.65
C GLU A 29 -17.95 -11.70 18.17
N LEU A 30 -18.98 -11.34 17.42
CA LEU A 30 -19.35 -11.85 16.08
C LEU A 30 -19.99 -10.67 15.34
N VAL A 31 -19.38 -10.17 14.27
CA VAL A 31 -20.13 -9.48 13.19
C VAL A 31 -19.60 -10.04 11.87
N LEU A 32 -20.29 -9.76 10.77
CA LEU A 32 -20.08 -10.47 9.49
C LEU A 32 -19.63 -9.46 8.45
N PRO A 33 -18.31 -9.15 8.35
CA PRO A 33 -17.84 -8.17 7.38
C PRO A 33 -17.75 -8.70 5.93
N HIS A 34 -18.07 -7.81 4.98
CA HIS A 34 -17.69 -7.87 3.54
C HIS A 34 -16.20 -7.55 3.50
N PHE A 35 -15.35 -8.58 3.49
CA PHE A 35 -13.85 -8.48 3.60
C PHE A 35 -13.29 -7.82 2.34
N GLY A 36 -12.21 -7.02 2.45
CA GLY A 36 -11.56 -6.33 1.31
C GLY A 36 -12.35 -5.12 0.81
N LYS A 37 -13.21 -4.57 1.67
CA LYS A 37 -13.93 -3.30 1.47
C LYS A 37 -14.29 -2.72 2.85
N GLU A 38 -14.72 -1.46 2.83
CA GLU A 38 -14.83 -0.60 4.03
C GLU A 38 -15.81 0.51 3.69
N ASP A 39 -16.40 1.15 4.69
CA ASP A 39 -17.29 2.34 4.50
C ASP A 39 -16.72 3.49 5.34
N ALA A 40 -17.28 4.68 5.16
CA ALA A 40 -16.74 5.95 5.71
C ALA A 40 -16.61 5.82 7.23
N GLY A 41 -17.57 5.17 7.88
CA GLY A 41 -17.59 4.96 9.34
C GLY A 41 -16.42 4.11 9.83
N ASP A 42 -16.11 3.03 9.10
CA ASP A 42 -14.93 2.17 9.41
C ASP A 42 -13.63 2.98 9.26
N VAL A 43 -13.54 3.85 8.25
CA VAL A 43 -12.29 4.63 7.99
C VAL A 43 -12.21 5.75 9.04
N GLN A 44 -13.33 6.41 9.35
CA GLN A 44 -13.34 7.42 10.44
C GLN A 44 -12.87 6.78 11.75
N GLN A 45 -13.34 5.58 12.07
CA GLN A 45 -12.96 4.91 13.33
C GLN A 45 -11.45 4.60 13.32
N PHE A 46 -10.92 4.08 12.22
CA PHE A 46 -9.47 3.83 12.05
C PHE A 46 -8.71 5.11 12.43
N TYR A 47 -9.02 6.23 11.78
CA TYR A 47 -8.33 7.52 12.00
C TYR A 47 -8.56 7.97 13.45
N ASP A 48 -9.75 7.79 14.00
CA ASP A 48 -10.06 8.27 15.39
C ASP A 48 -9.16 7.52 16.38
N LEU A 49 -9.04 6.20 16.24
CA LEU A 49 -8.15 5.34 17.08
C LEU A 49 -6.68 5.82 16.97
N LEU A 50 -6.19 6.01 15.77
CA LEU A 50 -4.84 6.58 15.51
C LEU A 50 -4.71 7.93 16.25
N SER A 51 -5.69 8.81 16.08
CA SER A 51 -5.74 10.17 16.70
C SER A 51 -5.73 10.09 18.23
N GLY A 52 -6.55 9.23 18.83
CA GLY A 52 -6.65 9.09 20.30
C GLY A 52 -5.35 8.58 20.89
N SER A 53 -4.71 7.64 20.19
CA SER A 53 -3.41 7.06 20.57
C SER A 53 -2.32 8.14 20.51
N LEU A 54 -2.29 8.98 19.48
CA LEU A 54 -1.31 10.08 19.41
C LEU A 54 -1.53 11.06 20.56
N GLU A 55 -2.76 11.48 20.87
CA GLU A 55 -3.12 12.39 22.00
CA GLU A 55 -2.97 12.45 21.98
C GLU A 55 -2.58 11.81 23.32
N VAL A 56 -2.77 10.50 23.51
CA VAL A 56 -2.38 9.76 24.75
C VAL A 56 -0.87 9.61 24.81
N ILE A 57 -0.23 9.27 23.69
CA ILE A 57 1.25 9.10 23.62
C ILE A 57 1.92 10.45 23.88
N ARG A 58 1.37 11.55 23.39
CA ARG A 58 1.87 12.93 23.68
C ARG A 58 1.94 13.13 25.19
N LYS A 59 0.87 12.80 25.93
CA LYS A 59 0.78 13.01 27.41
C LYS A 59 1.73 12.07 28.13
N TRP A 60 1.90 10.85 27.65
CA TRP A 60 2.88 9.88 28.22
C TRP A 60 4.29 10.45 28.08
N ALA A 61 4.60 10.99 26.91
CA ALA A 61 5.96 11.45 26.59
C ALA A 61 6.27 12.64 27.49
N GLU A 62 5.33 13.57 27.66
CA GLU A 62 5.48 14.80 28.51
CA GLU A 62 5.52 14.79 28.50
C GLU A 62 5.83 14.39 29.95
N LYS A 63 5.58 13.14 30.34
CA LYS A 63 5.85 12.65 31.72
C LYS A 63 7.17 11.89 31.76
N ILE A 64 7.92 11.81 30.66
CA ILE A 64 9.29 11.20 30.72
C ILE A 64 10.26 12.32 31.09
N PRO A 65 10.97 12.22 32.24
CA PRO A 65 11.80 13.32 32.74
C PRO A 65 12.85 13.68 31.68
N GLY A 66 12.97 14.95 31.38
CA GLY A 66 13.87 15.45 30.33
C GLY A 66 13.10 15.77 29.07
N PHE A 67 12.02 15.05 28.79
CA PHE A 67 11.35 15.14 27.47
C PHE A 67 10.71 16.51 27.28
N ALA A 68 10.09 17.06 28.33
CA ALA A 68 9.38 18.36 28.24
C ALA A 68 10.38 19.50 28.08
N GLU A 69 11.64 19.29 28.46
CA GLU A 69 12.68 20.34 28.35
C GLU A 69 13.43 20.24 27.03
N LEU A 70 13.07 19.34 26.12
CA LEU A 70 13.65 19.39 24.75
C LEU A 70 12.98 20.53 23.99
N SER A 71 13.61 21.06 22.96
CA SER A 71 12.98 22.10 22.11
C SER A 71 11.62 21.56 21.67
N PRO A 72 10.58 22.42 21.51
CA PRO A 72 9.29 21.96 20.96
C PRO A 72 9.41 21.20 19.63
N ALA A 73 10.31 21.62 18.73
CA ALA A 73 10.54 20.99 17.41
C ALA A 73 11.09 19.57 17.61
N ASP A 74 12.00 19.37 18.55
CA ASP A 74 12.56 18.03 18.84
C ASP A 74 11.47 17.14 19.42
N GLN A 75 10.58 17.68 20.26
CA GLN A 75 9.48 16.91 20.87
C GLN A 75 8.55 16.38 19.77
N ASP A 76 8.17 17.25 18.83
CA ASP A 76 7.29 16.92 17.69
C ASP A 76 7.98 15.87 16.85
N LEU A 77 9.27 16.08 16.54
CA LEU A 77 10.03 15.22 15.61
C LEU A 77 10.15 13.81 16.21
N LEU A 78 10.40 13.71 17.51
CA LEU A 78 10.51 12.40 18.18
C LEU A 78 9.13 11.73 18.14
N LEU A 79 8.09 12.50 18.36
CA LEU A 79 6.70 12.00 18.55
C LEU A 79 6.20 11.44 17.22
N GLU A 80 6.30 12.25 16.17
CA GLU A 80 5.97 11.87 14.77
C GLU A 80 6.75 10.63 14.34
N SER A 81 8.06 10.60 14.61
CA SER A 81 8.98 9.58 14.07
C SER A 81 8.68 8.24 14.74
N ALA A 82 8.21 8.23 15.99
CA ALA A 82 7.98 7.01 16.80
C ALA A 82 6.49 6.61 16.84
N PHE A 83 5.58 7.50 16.40
CA PHE A 83 4.14 7.34 16.72
C PHE A 83 3.68 5.94 16.29
N LEU A 84 3.88 5.56 15.04
CA LEU A 84 3.36 4.31 14.44
C LEU A 84 3.92 3.11 15.20
N GLU A 85 5.23 3.08 15.44
CA GLU A 85 5.89 1.98 16.17
C GLU A 85 5.35 1.93 17.62
N LEU A 86 5.12 3.08 18.24
CA LEU A 86 4.58 3.12 19.63
C LEU A 86 3.14 2.64 19.62
N PHE A 87 2.35 3.07 18.64
CA PHE A 87 0.95 2.61 18.48
C PHE A 87 0.93 1.08 18.41
N ILE A 88 1.70 0.50 17.50
CA ILE A 88 1.71 -0.97 17.30
C ILE A 88 2.17 -1.66 18.59
N LEU A 89 3.34 -1.29 19.11
CA LEU A 89 3.95 -1.94 20.30
C LEU A 89 2.99 -1.86 21.51
N ARG A 90 2.44 -0.72 21.79
CA ARG A 90 1.54 -0.57 22.96
C ARG A 90 0.27 -1.39 22.72
N LEU A 91 -0.25 -1.42 21.50
CA LEU A 91 -1.46 -2.22 21.15
C LEU A 91 -1.15 -3.71 21.29
N ALA A 92 -0.04 -4.16 20.75
CA ALA A 92 0.43 -5.54 20.88
C ALA A 92 0.50 -5.91 22.37
N TYR A 93 1.10 -5.07 23.21
CA TYR A 93 1.43 -5.40 24.63
C TYR A 93 0.15 -5.45 25.47
N ARG A 94 -0.83 -4.63 25.12
CA ARG A 94 -2.08 -4.43 25.88
C ARG A 94 -3.17 -5.43 25.43
N SER A 95 -3.09 -5.95 24.20
CA SER A 95 -4.18 -6.72 23.56
C SER A 95 -4.20 -8.20 24.00
N LYS A 96 -5.27 -8.91 23.69
CA LYS A 96 -5.50 -10.31 24.11
C LYS A 96 -5.65 -11.16 22.85
N PRO A 97 -4.53 -11.55 22.21
CA PRO A 97 -4.57 -12.33 20.98
C PRO A 97 -5.27 -13.70 21.12
N GLY A 98 -5.25 -14.29 22.30
CA GLY A 98 -5.96 -15.57 22.56
C GLY A 98 -7.46 -15.45 22.46
N GLU A 99 -8.05 -14.28 22.69
CA GLU A 99 -9.52 -14.03 22.50
C GLU A 99 -9.78 -13.12 21.28
N GLY A 100 -8.80 -12.95 20.39
CA GLY A 100 -8.91 -12.03 19.23
C GLY A 100 -9.37 -10.63 19.62
N LYS A 101 -8.94 -10.15 20.78
CA LYS A 101 -9.39 -8.88 21.37
C LYS A 101 -8.29 -7.81 21.23
N LEU A 102 -8.62 -6.72 20.54
CA LEU A 102 -7.79 -5.50 20.45
C LEU A 102 -8.25 -4.57 21.56
N ILE A 103 -7.33 -4.16 22.42
CA ILE A 103 -7.63 -3.19 23.51
C ILE A 103 -6.89 -1.88 23.20
N PHE A 104 -7.63 -0.83 22.90
CA PHE A 104 -7.12 0.51 22.53
C PHE A 104 -6.89 1.30 23.83
N CYS A 105 -6.07 2.34 23.76
CA CYS A 105 -5.56 3.08 24.95
C CYS A 105 -6.74 3.74 25.70
N SER A 106 -7.84 4.07 25.01
CA SER A 106 -9.07 4.65 25.62
C SER A 106 -9.77 3.65 26.55
N GLY A 107 -9.42 2.37 26.52
CA GLY A 107 -10.22 1.29 27.14
C GLY A 107 -11.14 0.59 26.13
N LEU A 108 -11.35 1.17 24.95
CA LEU A 108 -12.16 0.54 23.87
C LEU A 108 -11.62 -0.87 23.57
N VAL A 109 -12.50 -1.86 23.63
CA VAL A 109 -12.24 -3.26 23.21
C VAL A 109 -13.06 -3.55 21.97
N LEU A 110 -12.44 -4.22 21.02
CA LEU A 110 -12.94 -4.45 19.65
C LEU A 110 -12.41 -5.82 19.24
N HIS A 111 -13.24 -6.61 18.57
CA HIS A 111 -12.88 -7.95 18.05
C HIS A 111 -12.06 -7.76 16.79
N ARG A 112 -11.17 -8.70 16.45
CA ARG A 112 -10.41 -8.72 15.18
C ARG A 112 -11.35 -8.46 14.01
N LEU A 113 -12.48 -9.15 13.95
CA LEU A 113 -13.45 -9.03 12.84
C LEU A 113 -14.05 -7.63 12.76
N GLN A 114 -14.15 -6.92 13.88
CA GLN A 114 -14.67 -5.52 13.90
C GLN A 114 -13.59 -4.55 13.40
N CYS A 115 -12.33 -4.94 13.40
CA CYS A 115 -11.19 -4.06 13.00
C CYS A 115 -10.86 -4.28 11.53
N ALA A 116 -11.22 -5.43 10.98
CA ALA A 116 -10.88 -5.89 9.62
C ALA A 116 -11.23 -4.84 8.56
N ARG A 117 -12.40 -4.25 8.63
CA ARG A 117 -12.84 -3.27 7.59
C ARG A 117 -11.95 -2.02 7.66
N GLY A 118 -11.80 -1.45 8.85
CA GLY A 118 -10.93 -0.26 9.03
C GLY A 118 -9.46 -0.54 8.69
N PHE A 119 -8.88 -1.56 9.30
CA PHE A 119 -7.41 -1.75 9.35
C PHE A 119 -6.91 -2.65 8.21
N GLY A 120 -7.78 -3.46 7.57
CA GLY A 120 -7.38 -4.61 6.71
C GLY A 120 -6.49 -5.62 7.44
N ASP A 121 -5.72 -6.42 6.70
CA ASP A 121 -4.68 -7.38 7.15
C ASP A 121 -3.89 -6.91 8.36
N TRP A 122 -3.49 -5.65 8.36
CA TRP A 122 -2.56 -5.06 9.35
C TRP A 122 -2.96 -5.50 10.77
N ILE A 123 -4.25 -5.54 11.10
CA ILE A 123 -4.70 -5.89 12.48
C ILE A 123 -4.41 -7.35 12.77
N ASP A 124 -4.59 -8.22 11.77
CA ASP A 124 -4.28 -9.67 11.90
C ASP A 124 -2.79 -9.76 12.25
N SER A 125 -1.95 -8.96 11.59
CA SER A 125 -0.48 -8.99 11.74
C SER A 125 -0.09 -8.43 13.10
N ILE A 126 -0.80 -7.41 13.57
CA ILE A 126 -0.57 -6.82 14.92
C ILE A 126 -0.88 -7.88 15.95
N LEU A 127 -1.98 -8.64 15.80
CA LEU A 127 -2.32 -9.72 16.77
C LEU A 127 -1.23 -10.79 16.77
N ALA A 128 -0.71 -11.14 15.60
CA ALA A 128 0.40 -12.11 15.47
C ALA A 128 1.59 -11.61 16.30
N PHE A 129 1.95 -10.34 16.16
CA PHE A 129 3.08 -9.72 16.90
C PHE A 129 2.75 -9.68 18.38
N SER A 130 1.48 -9.49 18.75
CA SER A 130 1.03 -9.51 20.15
C SER A 130 1.40 -10.85 20.80
N ARG A 131 1.03 -11.96 20.15
CA ARG A 131 1.38 -13.32 20.61
C ARG A 131 2.90 -13.39 20.78
N SER A 132 3.62 -13.01 19.74
CA SER A 132 5.10 -13.01 19.70
C SER A 132 5.65 -12.29 20.95
N LEU A 133 5.23 -11.05 21.18
CA LEU A 133 5.61 -10.17 22.30
C LEU A 133 5.31 -10.87 23.64
N HIS A 134 4.11 -11.41 23.79
CA HIS A 134 3.62 -12.03 25.05
C HIS A 134 4.51 -13.21 25.43
N SER A 135 5.05 -13.96 24.46
CA SER A 135 5.83 -15.19 24.73
C SER A 135 7.18 -14.82 25.39
N LEU A 136 7.67 -13.60 25.19
CA LEU A 136 8.94 -13.10 25.77
C LEU A 136 8.72 -12.64 27.20
N LEU A 137 7.49 -12.59 27.70
CA LEU A 137 7.23 -12.28 29.12
C LEU A 137 8.05 -11.05 29.52
N VAL A 138 7.89 -9.96 28.77
CA VAL A 138 8.51 -8.65 29.08
C VAL A 138 7.72 -8.00 30.23
N ASP A 139 8.33 -7.85 31.42
CA ASP A 139 7.67 -7.24 32.59
C ASP A 139 7.42 -5.75 32.32
N VAL A 140 6.52 -5.15 33.08
CA VAL A 140 6.07 -3.75 32.89
C VAL A 140 7.25 -2.78 32.95
N PRO A 141 8.13 -2.83 33.97
CA PRO A 141 9.22 -1.85 34.04
C PRO A 141 10.18 -1.97 32.83
N ALA A 142 10.47 -3.18 32.35
CA ALA A 142 11.27 -3.34 31.12
C ALA A 142 10.54 -2.68 29.93
N PHE A 143 9.24 -2.93 29.78
CA PHE A 143 8.43 -2.39 28.68
C PHE A 143 8.38 -0.87 28.74
N ALA A 144 8.18 -0.35 29.95
CA ALA A 144 8.12 1.09 30.26
C ALA A 144 9.41 1.76 29.75
N CYS A 145 10.55 1.06 29.85
CA CYS A 145 11.86 1.57 29.36
C CYS A 145 11.96 1.38 27.84
N LEU A 146 11.63 0.20 27.34
CA LEU A 146 11.78 -0.11 25.90
C LEU A 146 10.94 0.87 25.07
N SER A 147 9.69 1.14 25.44
CA SER A 147 8.83 2.10 24.72
C SER A 147 9.50 3.48 24.70
N ALA A 148 10.12 3.90 25.80
CA ALA A 148 10.81 5.20 25.90
C ALA A 148 12.01 5.24 24.96
N LEU A 149 12.73 4.13 24.82
CA LEU A 149 13.90 4.02 23.91
C LEU A 149 13.44 4.12 22.45
N VAL A 150 12.23 3.67 22.17
CA VAL A 150 11.61 3.82 20.83
C VAL A 150 11.43 5.31 20.53
N LEU A 151 11.07 6.09 21.54
CA LEU A 151 10.76 7.54 21.39
C LEU A 151 12.06 8.34 21.37
N ILE A 152 12.90 8.11 22.39
CA ILE A 152 14.11 8.93 22.71
C ILE A 152 15.30 8.25 22.01
N THR A 153 15.48 8.64 20.75
CA THR A 153 16.40 7.99 19.80
C THR A 153 16.84 9.07 18.82
N ASP A 154 18.05 8.93 18.27
CA ASP A 154 18.57 9.76 17.17
C ASP A 154 17.50 9.82 16.06
N ARG A 155 17.24 11.00 15.49
CA ARG A 155 16.46 11.20 14.26
C ARG A 155 17.11 12.33 13.46
N HIS A 156 17.18 12.20 12.14
CA HIS A 156 17.57 13.28 11.23
C HIS A 156 16.67 14.48 11.51
N GLY A 157 17.26 15.65 11.79
CA GLY A 157 16.54 16.92 11.96
C GLY A 157 16.48 17.39 13.40
N LEU A 158 16.91 16.58 14.36
CA LEU A 158 16.98 17.00 15.78
C LEU A 158 17.86 18.26 15.86
N GLN A 159 17.37 19.28 16.54
CA GLN A 159 18.13 20.50 16.88
C GLN A 159 19.22 20.15 17.91
N GLU A 160 18.87 19.42 18.98
CA GLU A 160 19.74 19.14 20.14
C GLU A 160 19.98 17.63 20.27
N PRO A 161 20.61 16.98 19.27
CA PRO A 161 20.75 15.53 19.29
C PRO A 161 21.56 15.00 20.48
N ARG A 162 22.52 15.76 20.99
CA ARG A 162 23.35 15.34 22.16
C ARG A 162 22.48 15.21 23.41
N ARG A 163 21.49 16.10 23.57
CA ARG A 163 20.59 16.08 24.75
C ARG A 163 19.73 14.83 24.66
N VAL A 164 19.29 14.51 23.45
CA VAL A 164 18.46 13.32 23.20
C VAL A 164 19.34 12.09 23.45
N GLU A 165 20.58 12.06 22.97
CA GLU A 165 21.51 10.93 23.23
C GLU A 165 21.81 10.82 24.73
N GLU A 166 21.92 11.92 25.46
CA GLU A 166 22.19 11.87 26.93
C GLU A 166 21.02 11.18 27.62
N LEU A 167 19.81 11.59 27.28
CA LEU A 167 18.55 11.02 27.79
C LEU A 167 18.43 9.55 27.38
N GLN A 168 18.73 9.21 26.12
CA GLN A 168 18.71 7.80 25.66
C GLN A 168 19.64 7.00 26.56
N ASN A 169 20.84 7.52 26.85
CA ASN A 169 21.85 6.85 27.72
C ASN A 169 21.21 6.54 29.08
N ARG A 170 20.60 7.55 29.68
CA ARG A 170 20.00 7.42 31.04
C ARG A 170 18.98 6.27 31.04
N ILE A 171 18.17 6.16 29.99
CA ILE A 171 17.04 5.19 29.98
C ILE A 171 17.61 3.79 29.71
N ALA A 172 18.59 3.69 28.81
CA ALA A 172 19.37 2.45 28.59
C ALA A 172 20.00 1.98 29.91
N SER A 173 20.65 2.88 30.65
CA SER A 173 21.24 2.57 31.99
C SER A 173 20.16 2.03 32.92
N CYS A 174 19.08 2.76 33.04
CA CYS A 174 17.90 2.45 33.89
C CYS A 174 17.39 1.03 33.59
N LEU A 175 17.33 0.65 32.31
CA LEU A 175 16.84 -0.68 31.86
C LEU A 175 17.84 -1.76 32.29
N LYS A 176 19.13 -1.59 31.92
CA LYS A 176 20.24 -2.49 32.33
C LYS A 176 20.13 -2.84 33.82
N GLU A 177 19.98 -1.82 34.67
CA GLU A 177 19.96 -1.88 36.15
C GLU A 177 18.76 -2.72 36.61
N HIS A 178 17.60 -2.55 35.97
CA HIS A 178 16.35 -3.33 36.23
C HIS A 178 16.54 -4.80 35.86
N VAL A 179 17.26 -5.13 34.79
CA VAL A 179 17.40 -6.55 34.35
C VAL A 179 18.47 -7.24 35.21
N ALA A 180 19.32 -6.49 35.91
CA ALA A 180 20.26 -7.03 36.91
C ALA A 180 19.52 -7.27 38.24
N ALA A 181 18.64 -6.33 38.65
CA ALA A 181 17.88 -6.37 39.94
C ALA A 181 16.88 -7.55 39.97
N VAL A 182 16.49 -8.10 38.82
CA VAL A 182 15.43 -9.17 38.70
C VAL A 182 16.09 -10.51 38.36
N ALA A 183 17.17 -10.52 37.56
CA ALA A 183 18.03 -11.70 37.32
C ALA A 183 18.53 -12.26 38.67
N GLY A 184 18.63 -11.42 39.71
CA GLY A 184 18.98 -11.81 41.09
C GLY A 184 19.52 -10.65 41.89
N CYS A 191 16.51 -12.78 27.39
CA CYS A 191 15.28 -12.04 27.01
C CYS A 191 15.64 -10.93 26.00
N LEU A 192 16.74 -10.21 26.23
CA LEU A 192 17.23 -9.04 25.43
C LEU A 192 17.43 -9.44 23.97
N SER A 193 18.32 -10.41 23.74
CA SER A 193 18.69 -10.95 22.40
C SER A 193 17.44 -11.46 21.68
N ARG A 194 16.45 -11.97 22.44
CA ARG A 194 15.23 -12.62 21.87
C ARG A 194 14.20 -11.54 21.50
N LEU A 195 14.14 -10.44 22.26
CA LEU A 195 13.32 -9.25 21.97
C LEU A 195 13.77 -8.62 20.65
N LEU A 196 15.08 -8.40 20.49
CA LEU A 196 15.68 -7.87 19.24
C LEU A 196 15.36 -8.76 18.02
N GLY A 197 15.23 -10.08 18.20
CA GLY A 197 14.85 -11.03 17.12
C GLY A 197 13.46 -10.74 16.57
N LYS A 198 12.59 -10.06 17.35
CA LYS A 198 11.19 -9.71 16.99
C LYS A 198 11.12 -8.34 16.32
N LEU A 199 12.18 -7.54 16.38
CA LEU A 199 12.16 -6.15 15.88
C LEU A 199 11.91 -6.08 14.38
N PRO A 200 12.46 -6.98 13.52
CA PRO A 200 12.07 -7.01 12.10
C PRO A 200 10.57 -7.17 11.81
N GLU A 201 9.81 -7.97 12.59
CA GLU A 201 8.33 -8.01 12.52
C GLU A 201 7.77 -6.62 12.76
N LEU A 202 8.26 -5.93 13.80
CA LEU A 202 7.74 -4.61 14.25
C LEU A 202 7.97 -3.54 13.18
N ARG A 203 9.10 -3.57 12.48
CA ARG A 203 9.39 -2.66 11.35
C ARG A 203 8.49 -3.03 10.17
N THR A 204 8.29 -4.32 9.89
CA THR A 204 7.32 -4.73 8.85
C THR A 204 5.94 -4.15 9.16
N LEU A 205 5.52 -4.21 10.42
CA LEU A 205 4.19 -3.72 10.88
C LEU A 205 4.11 -2.21 10.72
N CYS A 206 5.17 -1.47 11.02
CA CYS A 206 5.22 -0.01 10.76
C CYS A 206 4.95 0.26 9.28
N THR A 207 5.65 -0.43 8.41
CA THR A 207 5.48 -0.34 6.94
C THR A 207 4.03 -0.67 6.56
N GLN A 208 3.43 -1.72 7.11
CA GLN A 208 2.05 -2.14 6.78
C GLN A 208 1.09 -1.00 7.14
N GLY A 209 1.32 -0.33 8.29
CA GLY A 209 0.61 0.88 8.70
C GLY A 209 0.66 1.93 7.62
N LEU A 210 1.86 2.25 7.11
CA LEU A 210 2.01 3.30 6.07
C LEU A 210 1.26 2.86 4.82
N GLN A 211 1.31 1.57 4.48
CA GLN A 211 0.63 1.00 3.29
C GLN A 211 -0.88 1.15 3.43
N ARG A 212 -1.39 0.91 4.64
CA ARG A 212 -2.83 1.01 4.89
C ARG A 212 -3.26 2.47 4.76
N ILE A 213 -2.48 3.41 5.29
CA ILE A 213 -2.83 4.85 5.22
C ILE A 213 -2.79 5.31 3.77
N PHE A 214 -1.75 4.95 3.04
CA PHE A 214 -1.64 5.19 1.58
C PHE A 214 -2.91 4.69 0.91
N TYR A 215 -3.28 3.44 1.16
CA TYR A 215 -4.47 2.80 0.53
C TYR A 215 -5.71 3.65 0.83
N LEU A 216 -5.90 4.05 2.08
CA LEU A 216 -7.10 4.81 2.51
C LEU A 216 -7.05 6.23 1.95
N LYS A 217 -5.88 6.82 1.78
CA LYS A 217 -5.73 8.16 1.15
C LYS A 217 -6.07 8.07 -0.34
N LEU A 218 -5.64 7.01 -1.03
CA LEU A 218 -6.05 6.69 -2.43
C LEU A 218 -7.58 6.65 -2.53
N GLU A 219 -8.24 5.88 -1.67
CA GLU A 219 -9.69 5.62 -1.71
C GLU A 219 -10.45 6.90 -1.31
N ASP A 220 -9.94 7.65 -0.34
CA ASP A 220 -10.46 8.95 0.15
C ASP A 220 -11.94 8.89 0.55
N LEU A 221 -12.43 7.82 1.15
CA LEU A 221 -13.81 7.81 1.68
C LEU A 221 -13.99 9.01 2.61
N VAL A 222 -13.05 9.21 3.52
CA VAL A 222 -12.96 10.43 4.38
C VAL A 222 -11.48 10.76 4.42
N PRO A 223 -11.12 12.05 4.48
CA PRO A 223 -9.71 12.42 4.46
C PRO A 223 -9.09 12.09 5.81
N PRO A 224 -7.77 11.81 5.87
CA PRO A 224 -7.11 11.60 7.16
C PRO A 224 -7.09 12.91 7.92
N PRO A 225 -7.14 12.89 9.28
CA PRO A 225 -6.98 14.11 10.05
C PRO A 225 -5.61 14.73 9.78
N PRO A 226 -5.50 16.08 9.82
CA PRO A 226 -4.28 16.77 9.43
C PRO A 226 -3.00 16.26 10.13
N ILE A 227 -3.09 15.96 11.42
CA ILE A 227 -1.89 15.60 12.24
C ILE A 227 -1.39 14.22 11.81
N ILE A 228 -2.30 13.26 11.52
CA ILE A 228 -1.90 11.91 11.03
C ILE A 228 -1.34 12.02 9.61
N ASP A 229 -2.01 12.78 8.75
CA ASP A 229 -1.54 13.08 7.37
C ASP A 229 -0.13 13.65 7.40
N LYS A 230 0.20 14.52 8.35
CA LYS A 230 1.53 15.16 8.45
C LYS A 230 2.54 14.09 8.83
N ILE A 231 2.20 13.24 9.79
CA ILE A 231 3.10 12.14 10.23
C ILE A 231 3.35 11.20 9.03
N PHE A 232 2.30 10.82 8.30
CA PHE A 232 2.41 9.98 7.08
C PHE A 232 3.40 10.65 6.11
N MET A 233 3.15 11.90 5.75
CA MET A 233 4.00 12.60 4.74
C MET A 233 5.41 12.76 5.28
N ASP A 234 5.58 13.22 6.53
CA ASP A 234 6.92 13.54 7.11
C ASP A 234 7.74 12.27 7.28
N THR A 235 7.12 11.08 7.19
CA THR A 235 7.69 9.76 7.58
C THR A 235 8.05 8.96 6.33
N LEU A 236 7.83 9.54 5.15
CA LEU A 236 8.12 8.92 3.84
C LEU A 236 9.51 9.36 3.41
N PRO A 237 10.53 8.46 3.35
CA PRO A 237 11.86 8.81 2.83
C PRO A 237 11.98 9.27 1.36
N PHE A 238 11.05 10.06 0.81
CA PHE A 238 11.08 10.56 -0.59
C PHE A 238 10.18 11.81 -0.75
N ALA B 2 -16.35 0.97 -38.98
CA ALA B 2 -16.04 0.69 -40.42
C ALA B 2 -14.53 0.80 -40.66
N ASN B 3 -14.08 1.93 -41.22
CA ASN B 3 -12.66 2.30 -41.44
C ASN B 3 -11.99 2.66 -40.09
N LEU B 4 -12.79 3.05 -39.09
CA LEU B 4 -12.28 3.38 -37.73
C LEU B 4 -11.83 2.07 -37.07
N LEU B 5 -12.73 1.08 -37.05
CA LEU B 5 -12.45 -0.29 -36.58
C LEU B 5 -11.18 -0.81 -37.23
N THR B 6 -11.04 -0.70 -38.54
CA THR B 6 -9.82 -1.18 -39.27
C THR B 6 -8.61 -0.45 -38.70
N SER B 7 -8.76 0.84 -38.46
CA SER B 7 -7.64 1.70 -37.99
C SER B 7 -7.22 1.23 -36.61
N LEU B 8 -8.22 0.95 -35.75
CA LEU B 8 -8.05 0.50 -34.34
C LEU B 8 -7.38 -0.88 -34.30
N VAL B 9 -7.88 -1.84 -35.10
CA VAL B 9 -7.26 -3.19 -35.27
C VAL B 9 -5.81 -3.06 -35.77
N ARG B 10 -5.59 -2.26 -36.81
CA ARG B 10 -4.22 -2.07 -37.37
C ARG B 10 -3.29 -1.64 -36.21
N ALA B 11 -3.69 -0.64 -35.43
CA ALA B 11 -2.86 -0.05 -34.34
C ALA B 11 -2.53 -1.13 -33.30
N HIS B 12 -3.54 -1.81 -32.78
CA HIS B 12 -3.42 -2.92 -31.80
C HIS B 12 -2.44 -4.00 -32.32
N LEU B 13 -2.62 -4.53 -33.52
CA LEU B 13 -1.73 -5.59 -34.06
C LEU B 13 -0.31 -5.06 -34.29
N ASP B 14 -0.12 -3.80 -34.66
CA ASP B 14 1.26 -3.26 -34.87
C ASP B 14 1.96 -2.98 -33.52
N SER B 15 1.25 -3.03 -32.38
CA SER B 15 1.80 -2.60 -31.07
C SER B 15 2.23 -3.80 -30.21
N GLY B 16 2.13 -5.01 -30.73
CA GLY B 16 2.50 -6.22 -30.00
C GLY B 16 3.44 -7.06 -30.83
N PRO B 17 4.02 -8.13 -30.24
CA PRO B 17 4.96 -8.97 -30.97
C PRO B 17 4.20 -9.95 -31.87
N SER B 18 4.74 -10.22 -33.07
CA SER B 18 4.24 -11.31 -33.95
C SER B 18 4.60 -12.65 -33.28
N THR B 19 3.78 -13.67 -33.52
CA THR B 19 4.00 -15.05 -32.99
C THR B 19 5.41 -15.51 -33.38
N ALA B 20 5.98 -14.96 -34.47
CA ALA B 20 7.42 -14.96 -34.79
C ALA B 20 8.26 -14.41 -33.63
N LYS B 21 8.19 -13.12 -33.28
CA LYS B 21 9.21 -12.45 -32.40
C LYS B 21 9.02 -12.77 -30.90
N LEU B 22 8.19 -13.77 -30.54
CA LEU B 22 8.03 -14.33 -29.17
C LEU B 22 9.35 -14.97 -28.72
N ASP B 23 9.90 -14.55 -27.58
CA ASP B 23 11.22 -14.99 -27.02
C ASP B 23 11.03 -15.87 -25.77
N TYR B 24 11.34 -17.16 -25.86
CA TYR B 24 11.24 -18.08 -24.71
C TYR B 24 12.60 -18.37 -24.05
N SER B 25 13.66 -17.64 -24.40
CA SER B 25 15.06 -17.94 -24.00
C SER B 25 15.23 -17.87 -22.47
N LYS B 26 14.43 -17.05 -21.78
CA LYS B 26 14.54 -16.82 -20.31
C LYS B 26 13.37 -17.51 -19.62
N PHE B 27 12.41 -18.03 -20.37
CA PHE B 27 11.29 -18.81 -19.80
C PHE B 27 11.83 -20.02 -19.04
N GLN B 28 11.47 -20.15 -17.77
CA GLN B 28 11.76 -21.34 -16.93
C GLN B 28 10.42 -21.92 -16.47
N GLU B 29 10.09 -23.12 -16.99
CA GLU B 29 8.86 -23.90 -16.69
C GLU B 29 8.75 -24.15 -15.18
N LEU B 30 9.88 -24.40 -14.52
CA LEU B 30 9.99 -24.64 -13.05
C LEU B 30 11.06 -23.73 -12.47
N VAL B 31 10.77 -23.05 -11.36
CA VAL B 31 11.77 -22.34 -10.51
C VAL B 31 11.62 -22.92 -9.09
N LEU B 32 12.67 -22.90 -8.25
CA LEU B 32 12.47 -22.87 -6.78
C LEU B 32 12.37 -21.42 -6.35
N PRO B 33 11.15 -20.87 -6.08
CA PRO B 33 11.01 -19.53 -5.50
C PRO B 33 11.94 -19.34 -4.28
N HIS B 34 13.24 -19.45 -4.52
CA HIS B 34 14.35 -19.44 -3.51
C HIS B 34 14.37 -18.07 -2.82
N PHE B 35 15.28 -17.87 -1.85
CA PHE B 35 15.43 -16.58 -1.12
C PHE B 35 14.16 -15.74 -1.37
N GLY B 36 13.04 -16.05 -0.70
CA GLY B 36 11.84 -15.20 -0.65
C GLY B 36 12.20 -13.82 -0.13
N LYS B 37 11.34 -12.81 -0.31
CA LYS B 37 11.66 -11.38 -0.03
C LYS B 37 12.49 -10.82 -1.21
N GLU B 38 11.94 -9.85 -1.95
CA GLU B 38 12.48 -9.30 -3.20
C GLU B 38 13.94 -8.86 -3.00
N ASP B 39 14.71 -8.81 -4.09
CA ASP B 39 16.05 -8.19 -4.12
C ASP B 39 16.05 -7.11 -5.20
N ALA B 40 17.18 -6.41 -5.34
CA ALA B 40 17.45 -5.37 -6.36
C ALA B 40 17.00 -5.84 -7.75
N GLY B 41 17.38 -7.07 -8.11
CA GLY B 41 17.15 -7.65 -9.45
C GLY B 41 15.67 -7.84 -9.74
N ASP B 42 14.91 -8.29 -8.73
CA ASP B 42 13.43 -8.43 -8.82
C ASP B 42 12.79 -7.07 -9.05
N VAL B 43 13.25 -6.04 -8.35
CA VAL B 43 12.65 -4.68 -8.45
C VAL B 43 13.08 -4.04 -9.78
N GLN B 44 14.35 -4.18 -10.17
CA GLN B 44 14.84 -3.70 -11.47
C GLN B 44 13.98 -4.31 -12.59
N GLN B 45 13.69 -5.61 -12.52
CA GLN B 45 12.93 -6.33 -13.57
C GLN B 45 11.51 -5.76 -13.62
N PHE B 46 10.86 -5.60 -12.47
CA PHE B 46 9.52 -5.00 -12.37
C PHE B 46 9.52 -3.68 -13.15
N TYR B 47 10.41 -2.76 -12.81
CA TYR B 47 10.48 -1.42 -13.45
C TYR B 47 10.77 -1.58 -14.94
N ASP B 48 11.68 -2.48 -15.32
CA ASP B 48 12.09 -2.67 -16.74
C ASP B 48 10.86 -3.09 -17.56
N LEU B 49 10.11 -4.09 -17.08
CA LEU B 49 8.86 -4.58 -17.73
C LEU B 49 7.85 -3.42 -17.90
N LEU B 50 7.56 -2.67 -16.84
CA LEU B 50 6.67 -1.49 -16.89
C LEU B 50 7.17 -0.54 -17.97
N SER B 51 8.47 -0.22 -17.94
CA SER B 51 9.14 0.73 -18.87
C SER B 51 9.04 0.26 -20.33
N GLY B 52 9.23 -1.03 -20.61
CA GLY B 52 9.19 -1.59 -21.98
C GLY B 52 7.91 -1.23 -22.73
N SER B 53 6.80 -1.01 -22.03
CA SER B 53 5.46 -0.66 -22.59
C SER B 53 5.30 0.83 -22.93
N LEU B 54 6.11 1.72 -22.34
CA LEU B 54 5.91 3.19 -22.44
C LEU B 54 5.85 3.61 -23.92
N GLU B 55 6.95 3.41 -24.63
CA GLU B 55 7.17 3.88 -26.02
C GLU B 55 6.14 3.16 -26.91
N VAL B 56 5.82 1.92 -26.60
CA VAL B 56 4.87 1.07 -27.38
C VAL B 56 3.46 1.67 -27.27
N ILE B 57 3.01 1.93 -26.05
CA ILE B 57 1.65 2.46 -25.80
C ILE B 57 1.54 3.87 -26.39
N ARG B 58 2.56 4.71 -26.24
CA ARG B 58 2.58 6.06 -26.86
C ARG B 58 2.35 5.94 -28.37
N LYS B 59 3.10 5.06 -29.05
CA LYS B 59 3.03 4.89 -30.53
C LYS B 59 1.68 4.31 -30.95
N TRP B 60 1.13 3.40 -30.15
CA TRP B 60 -0.21 2.81 -30.39
C TRP B 60 -1.27 3.92 -30.34
N ALA B 61 -1.20 4.77 -29.32
CA ALA B 61 -2.22 5.79 -29.08
C ALA B 61 -2.24 6.77 -30.25
N GLU B 62 -1.05 7.18 -30.71
CA GLU B 62 -0.89 8.18 -31.81
CA GLU B 62 -0.91 8.19 -31.80
C GLU B 62 -1.53 7.63 -33.10
N LYS B 63 -1.75 6.32 -33.17
CA LYS B 63 -2.38 5.67 -34.36
C LYS B 63 -3.88 5.46 -34.14
N ILE B 64 -4.46 5.96 -33.04
CA ILE B 64 -5.94 5.99 -32.89
C ILE B 64 -6.44 7.27 -33.54
N PRO B 65 -7.30 7.17 -34.58
CA PRO B 65 -7.77 8.36 -35.30
C PRO B 65 -8.50 9.27 -34.31
N GLY B 66 -8.17 10.54 -34.35
CA GLY B 66 -8.71 11.53 -33.42
C GLY B 66 -7.76 11.80 -32.29
N PHE B 67 -6.88 10.87 -31.94
CA PHE B 67 -6.07 10.98 -30.70
C PHE B 67 -5.06 12.11 -30.89
N ALA B 68 -4.46 12.20 -32.06
CA ALA B 68 -3.43 13.24 -32.35
C ALA B 68 -4.10 14.62 -32.51
N GLU B 69 -5.42 14.65 -32.74
CA GLU B 69 -6.24 15.88 -32.85
C GLU B 69 -6.64 16.42 -31.47
N LEU B 70 -6.39 15.72 -30.36
CA LEU B 70 -6.63 16.28 -29.00
C LEU B 70 -5.50 17.24 -28.68
N SER B 71 -5.70 18.20 -27.79
CA SER B 71 -4.62 19.09 -27.32
C SER B 71 -3.44 18.22 -26.88
N PRO B 72 -2.17 18.64 -27.09
CA PRO B 72 -1.03 17.86 -26.59
C PRO B 72 -1.07 17.61 -25.06
N ALA B 73 -1.58 18.54 -24.26
CA ALA B 73 -1.67 18.37 -22.79
C ALA B 73 -2.69 17.27 -22.46
N ASP B 74 -3.81 17.22 -23.16
CA ASP B 74 -4.82 16.14 -22.99
C ASP B 74 -4.20 14.79 -23.41
N GLN B 75 -3.37 14.75 -24.45
CA GLN B 75 -2.71 13.50 -24.93
C GLN B 75 -1.81 12.94 -23.82
N ASP B 76 -0.98 13.79 -23.22
CA ASP B 76 -0.06 13.40 -22.14
C ASP B 76 -0.87 12.91 -20.94
N LEU B 77 -1.90 13.68 -20.58
CA LEU B 77 -2.75 13.43 -19.39
C LEU B 77 -3.49 12.09 -19.57
N LEU B 78 -4.01 11.81 -20.77
CA LEU B 78 -4.71 10.54 -21.05
C LEU B 78 -3.70 9.40 -20.96
N LEU B 79 -2.48 9.61 -21.44
CA LEU B 79 -1.43 8.56 -21.55
C LEU B 79 -1.00 8.16 -20.15
N GLU B 80 -0.60 9.15 -19.34
CA GLU B 80 -0.22 8.99 -17.92
C GLU B 80 -1.32 8.29 -17.12
N SER B 81 -2.55 8.78 -17.30
CA SER B 81 -3.71 8.37 -16.48
C SER B 81 -4.09 6.92 -16.79
N ALA B 82 -3.85 6.45 -18.01
CA ALA B 82 -4.28 5.12 -18.51
C ALA B 82 -3.12 4.14 -18.54
N PHE B 83 -1.90 4.59 -18.29
CA PHE B 83 -0.70 3.76 -18.56
C PHE B 83 -0.83 2.40 -17.88
N LEU B 84 -1.03 2.41 -16.57
CA LEU B 84 -1.08 1.19 -15.72
C LEU B 84 -2.22 0.30 -16.19
N GLU B 85 -3.41 0.84 -16.42
CA GLU B 85 -4.58 0.05 -16.87
C GLU B 85 -4.32 -0.51 -18.27
N LEU B 86 -3.63 0.23 -19.13
CA LEU B 86 -3.36 -0.27 -20.50
C LEU B 86 -2.34 -1.39 -20.40
N PHE B 87 -1.32 -1.20 -19.56
CA PHE B 87 -0.31 -2.26 -19.28
C PHE B 87 -1.02 -3.55 -18.83
N ILE B 88 -1.87 -3.45 -17.80
CA ILE B 88 -2.59 -4.61 -17.22
C ILE B 88 -3.44 -5.27 -18.33
N LEU B 89 -4.33 -4.53 -18.97
CA LEU B 89 -5.34 -5.08 -19.91
C LEU B 89 -4.60 -5.76 -21.08
N ARG B 90 -3.59 -5.11 -21.64
CA ARG B 90 -2.87 -5.68 -22.80
C ARG B 90 -2.14 -6.95 -22.34
N LEU B 91 -1.57 -6.95 -21.15
CA LEU B 91 -0.85 -8.11 -20.56
C LEU B 91 -1.87 -9.24 -20.34
N ALA B 92 -2.99 -8.95 -19.72
CA ALA B 92 -4.06 -9.94 -19.48
C ALA B 92 -4.44 -10.62 -20.81
N TYR B 93 -4.65 -9.86 -21.89
CA TYR B 93 -5.19 -10.38 -23.17
C TYR B 93 -4.15 -11.22 -23.93
N ARG B 94 -2.88 -10.85 -23.78
CA ARG B 94 -1.74 -11.41 -24.54
C ARG B 94 -1.21 -12.65 -23.79
N SER B 95 -1.44 -12.73 -22.49
CA SER B 95 -0.85 -13.79 -21.63
C SER B 95 -1.74 -15.03 -21.67
N LYS B 96 -1.19 -16.13 -21.13
CA LYS B 96 -1.83 -17.47 -21.11
C LYS B 96 -1.98 -17.86 -19.64
N PRO B 97 -3.06 -17.40 -18.99
CA PRO B 97 -3.25 -17.62 -17.55
C PRO B 97 -3.34 -19.12 -17.17
N GLY B 98 -3.79 -19.98 -18.08
CA GLY B 98 -3.89 -21.44 -17.89
C GLY B 98 -2.55 -22.08 -17.62
N GLU B 99 -1.47 -21.54 -18.18
CA GLU B 99 -0.09 -22.06 -17.99
C GLU B 99 0.74 -21.11 -17.12
N GLY B 100 0.10 -20.15 -16.43
CA GLY B 100 0.79 -19.07 -15.70
C GLY B 100 1.88 -18.38 -16.52
N LYS B 101 1.64 -18.19 -17.82
CA LYS B 101 2.60 -17.57 -18.77
C LYS B 101 2.25 -16.10 -18.99
N LEU B 102 3.15 -15.19 -18.59
CA LEU B 102 3.07 -13.74 -18.91
C LEU B 102 3.83 -13.53 -20.23
N ILE B 103 3.19 -12.90 -21.19
CA ILE B 103 3.86 -12.44 -22.43
C ILE B 103 3.87 -10.92 -22.42
N PHE B 104 5.07 -10.34 -22.41
CA PHE B 104 5.32 -8.87 -22.40
C PHE B 104 5.35 -8.38 -23.86
N CYS B 105 5.12 -7.08 -24.08
CA CYS B 105 4.93 -6.51 -25.45
C CYS B 105 6.23 -6.65 -26.25
N SER B 106 7.40 -6.74 -25.60
CA SER B 106 8.72 -7.01 -26.25
C SER B 106 8.75 -8.39 -26.91
N GLY B 107 7.83 -9.30 -26.55
CA GLY B 107 7.92 -10.73 -26.91
C GLY B 107 8.49 -11.58 -25.78
N LEU B 108 9.09 -10.98 -24.76
CA LEU B 108 9.58 -11.73 -23.57
C LEU B 108 8.44 -12.54 -22.95
N VAL B 109 8.67 -13.84 -22.75
CA VAL B 109 7.75 -14.77 -22.03
C VAL B 109 8.42 -15.19 -20.72
N LEU B 110 7.64 -15.21 -19.65
CA LEU B 110 8.10 -15.38 -18.26
C LEU B 110 6.97 -16.10 -17.51
N HIS B 111 7.32 -17.02 -16.61
CA HIS B 111 6.37 -17.74 -15.73
C HIS B 111 6.01 -16.82 -14.56
N ARG B 112 4.83 -16.94 -13.95
CA ARG B 112 4.42 -15.99 -12.87
C ARG B 112 5.47 -15.96 -11.75
N LEU B 113 6.01 -17.11 -11.36
CA LEU B 113 6.99 -17.19 -10.26
C LEU B 113 8.32 -16.52 -10.66
N GLN B 114 8.60 -16.31 -11.95
CA GLN B 114 9.81 -15.57 -12.38
C GLN B 114 9.58 -14.05 -12.24
N CYS B 115 8.36 -13.57 -11.98
CA CYS B 115 8.12 -12.12 -11.71
C CYS B 115 7.26 -11.87 -10.45
N ALA B 116 6.85 -12.91 -9.72
CA ALA B 116 6.06 -12.75 -8.48
C ALA B 116 6.81 -11.94 -7.41
N ARG B 117 8.13 -12.06 -7.29
CA ARG B 117 8.86 -11.30 -6.25
C ARG B 117 8.85 -9.82 -6.63
N GLY B 118 9.10 -9.47 -7.88
CA GLY B 118 8.99 -8.07 -8.35
C GLY B 118 7.60 -7.51 -8.20
N PHE B 119 6.57 -8.18 -8.72
CA PHE B 119 5.17 -7.67 -8.77
C PHE B 119 4.42 -7.79 -7.44
N GLY B 120 4.80 -8.73 -6.56
CA GLY B 120 4.02 -9.19 -5.40
C GLY B 120 2.67 -9.76 -5.78
N ASP B 121 1.71 -9.80 -4.85
CA ASP B 121 0.29 -10.26 -5.02
C ASP B 121 -0.29 -9.86 -6.39
N TRP B 122 -0.01 -8.63 -6.79
CA TRP B 122 -0.63 -7.95 -7.95
C TRP B 122 -0.61 -8.87 -9.18
N ILE B 123 0.44 -9.69 -9.40
CA ILE B 123 0.51 -10.62 -10.56
C ILE B 123 -0.59 -11.67 -10.47
N ASP B 124 -0.85 -12.19 -9.28
CA ASP B 124 -1.94 -13.17 -9.04
C ASP B 124 -3.24 -12.49 -9.43
N SER B 125 -3.42 -11.22 -9.10
CA SER B 125 -4.69 -10.46 -9.37
C SER B 125 -4.83 -10.22 -10.86
N ILE B 126 -3.71 -9.90 -11.51
CA ILE B 126 -3.66 -9.66 -12.98
C ILE B 126 -4.04 -10.97 -13.67
N LEU B 127 -3.45 -12.09 -13.23
CA LEU B 127 -3.71 -13.42 -13.84
C LEU B 127 -5.17 -13.80 -13.63
N ALA B 128 -5.75 -13.51 -12.46
CA ALA B 128 -7.19 -13.75 -12.18
C ALA B 128 -8.01 -13.03 -13.24
N PHE B 129 -7.72 -11.74 -13.47
CA PHE B 129 -8.40 -10.87 -14.46
C PHE B 129 -8.21 -11.46 -15.86
N SER B 130 -7.01 -11.98 -16.14
CA SER B 130 -6.67 -12.59 -17.45
C SER B 130 -7.59 -13.77 -17.72
N ARG B 131 -7.76 -14.70 -16.77
CA ARG B 131 -8.72 -15.84 -16.86
CA ARG B 131 -8.69 -15.84 -16.97
C ARG B 131 -10.10 -15.27 -17.16
N SER B 132 -10.52 -14.29 -16.37
CA SER B 132 -11.83 -13.63 -16.53
C SER B 132 -11.99 -13.13 -17.97
N LEU B 133 -11.03 -12.36 -18.47
CA LEU B 133 -10.97 -11.77 -19.83
C LEU B 133 -11.06 -12.88 -20.88
N HIS B 134 -10.27 -13.94 -20.72
CA HIS B 134 -10.20 -15.09 -21.67
C HIS B 134 -11.58 -15.75 -21.79
N SER B 135 -12.35 -15.85 -20.72
CA SER B 135 -13.66 -16.56 -20.71
C SER B 135 -14.69 -15.78 -21.54
N LEU B 136 -14.52 -14.47 -21.71
CA LEU B 136 -15.44 -13.62 -22.51
C LEU B 136 -15.12 -13.79 -24.00
N LEU B 137 -14.07 -14.53 -24.37
CA LEU B 137 -13.78 -14.84 -25.78
C LEU B 137 -13.88 -13.54 -26.58
N VAL B 138 -13.16 -12.51 -26.13
CA VAL B 138 -13.16 -11.15 -26.71
C VAL B 138 -12.35 -11.18 -28.00
N ASP B 139 -13.00 -10.98 -29.15
CA ASP B 139 -12.30 -10.99 -30.47
C ASP B 139 -11.44 -9.73 -30.55
N VAL B 140 -10.48 -9.71 -31.47
CA VAL B 140 -9.47 -8.63 -31.60
C VAL B 140 -10.16 -7.28 -31.85
N PRO B 141 -11.10 -7.14 -32.80
CA PRO B 141 -11.75 -5.86 -33.04
C PRO B 141 -12.48 -5.31 -31.80
N ALA B 142 -13.12 -6.17 -31.02
CA ALA B 142 -13.77 -5.73 -29.76
C ALA B 142 -12.69 -5.18 -28.82
N PHE B 143 -11.59 -5.92 -28.66
CA PHE B 143 -10.49 -5.58 -27.74
C PHE B 143 -9.83 -4.27 -28.19
N ALA B 144 -9.62 -4.14 -29.49
CA ALA B 144 -9.03 -2.97 -30.16
C ALA B 144 -9.84 -1.73 -29.79
N CYS B 145 -11.15 -1.86 -29.63
CA CYS B 145 -12.04 -0.75 -29.19
C CYS B 145 -11.93 -0.59 -27.67
N LEU B 146 -12.03 -1.68 -26.92
CA LEU B 146 -11.99 -1.67 -25.44
C LEU B 146 -10.74 -0.92 -24.96
N SER B 147 -9.57 -1.29 -25.45
CA SER B 147 -8.27 -0.69 -25.04
C SER B 147 -8.32 0.82 -25.31
N ALA B 148 -8.89 1.22 -26.45
CA ALA B 148 -9.00 2.65 -26.83
C ALA B 148 -9.93 3.38 -25.86
N LEU B 149 -11.00 2.73 -25.41
CA LEU B 149 -11.96 3.32 -24.44
C LEU B 149 -11.30 3.51 -23.08
N VAL B 150 -10.33 2.66 -22.75
CA VAL B 150 -9.52 2.82 -21.50
C VAL B 150 -8.72 4.12 -21.61
N LEU B 151 -8.25 4.45 -22.80
CA LEU B 151 -7.35 5.61 -23.02
C LEU B 151 -8.19 6.88 -23.15
N ILE B 152 -9.22 6.81 -24.00
CA ILE B 152 -10.07 7.97 -24.40
C ILE B 152 -11.27 8.00 -23.45
N THR B 153 -11.09 8.62 -22.28
CA THR B 153 -12.02 8.58 -21.12
C THR B 153 -11.88 9.89 -20.37
N ASP B 154 -12.93 10.34 -19.71
CA ASP B 154 -12.88 11.52 -18.81
C ASP B 154 -11.72 11.35 -17.81
N ARG B 155 -10.98 12.42 -17.57
CA ARG B 155 -9.91 12.52 -16.54
C ARG B 155 -9.92 13.93 -15.95
N HIS B 156 -9.65 14.04 -14.66
CA HIS B 156 -9.47 15.34 -13.97
C HIS B 156 -8.35 16.08 -14.67
N GLY B 157 -8.61 17.32 -15.13
CA GLY B 157 -7.59 18.22 -15.72
C GLY B 157 -7.65 18.32 -17.23
N LEU B 158 -8.54 17.58 -17.88
CA LEU B 158 -8.73 17.69 -19.35
C LEU B 158 -9.08 19.15 -19.72
N GLN B 159 -8.37 19.71 -20.71
CA GLN B 159 -8.66 21.02 -21.33
C GLN B 159 -9.96 20.94 -22.13
N GLU B 160 -10.12 19.91 -22.97
CA GLU B 160 -11.23 19.79 -23.93
C GLU B 160 -12.04 18.53 -23.66
N PRO B 161 -12.64 18.39 -22.46
CA PRO B 161 -13.33 17.15 -22.08
C PRO B 161 -14.46 16.71 -23.04
N ARG B 162 -15.16 17.66 -23.67
CA ARG B 162 -16.27 17.36 -24.61
C ARG B 162 -15.69 16.64 -25.83
N ARG B 163 -14.52 17.07 -26.31
CA ARG B 163 -13.88 16.50 -27.53
C ARG B 163 -13.43 15.07 -27.22
N VAL B 164 -12.93 14.86 -26.00
CA VAL B 164 -12.54 13.52 -25.53
C VAL B 164 -13.80 12.66 -25.45
N GLU B 165 -14.89 13.17 -24.85
CA GLU B 165 -16.18 12.42 -24.79
C GLU B 165 -16.69 12.15 -26.21
N GLU B 166 -16.54 13.07 -27.16
CA GLU B 166 -17.05 12.88 -28.54
C GLU B 166 -16.29 11.71 -29.18
N LEU B 167 -14.97 11.69 -29.04
CA LEU B 167 -14.11 10.59 -29.55
C LEU B 167 -14.44 9.27 -28.82
N GLN B 168 -14.60 9.30 -27.51
CA GLN B 168 -15.03 8.08 -26.76
C GLN B 168 -16.34 7.57 -27.37
N ASN B 169 -17.30 8.46 -27.67
CA ASN B 169 -18.62 8.11 -28.27
C ASN B 169 -18.41 7.41 -29.60
N ARG B 170 -17.54 7.95 -30.45
CA ARG B 170 -17.27 7.38 -31.80
C ARG B 170 -16.79 5.92 -31.62
N ILE B 171 -15.91 5.67 -30.64
CA ILE B 171 -15.27 4.34 -30.49
C ILE B 171 -16.29 3.39 -29.85
N ALA B 172 -17.07 3.88 -28.88
CA ALA B 172 -18.22 3.15 -28.29
C ALA B 172 -19.21 2.76 -29.40
N SER B 173 -19.58 3.68 -30.30
CA SER B 173 -20.47 3.40 -31.47
C SER B 173 -19.87 2.26 -32.29
N CYS B 174 -18.61 2.43 -32.68
CA CYS B 174 -17.83 1.49 -33.51
C CYS B 174 -17.89 0.09 -32.90
N LEU B 175 -17.74 -0.02 -31.58
CA LEU B 175 -17.73 -1.29 -30.81
C LEU B 175 -19.12 -1.92 -30.86
N LYS B 176 -20.14 -1.17 -30.43
CA LYS B 176 -21.58 -1.59 -30.44
C LYS B 176 -21.89 -2.23 -31.80
N GLU B 177 -21.54 -1.56 -32.91
CA GLU B 177 -21.86 -1.93 -34.32
C GLU B 177 -21.19 -3.27 -34.66
N HIS B 178 -19.93 -3.44 -34.25
CA HIS B 178 -19.14 -4.68 -34.43
C HIS B 178 -19.77 -5.84 -33.65
N VAL B 179 -20.29 -5.62 -32.44
CA VAL B 179 -20.79 -6.71 -31.56
C VAL B 179 -22.19 -7.12 -32.05
N ALA B 180 -22.88 -6.27 -32.82
CA ALA B 180 -24.15 -6.61 -33.50
C ALA B 180 -23.84 -7.39 -34.80
N ALA B 181 -22.85 -6.97 -35.58
CA ALA B 181 -22.46 -7.56 -36.89
C ALA B 181 -21.96 -9.01 -36.73
N VAL B 182 -21.47 -9.38 -35.55
CA VAL B 182 -21.02 -10.76 -35.19
C VAL B 182 -21.73 -11.16 -33.89
N SER B 190 -25.66 -7.19 -23.57
CA SER B 190 -25.45 -8.22 -22.51
C SER B 190 -24.02 -8.81 -22.57
N CYS B 191 -23.56 -9.26 -23.76
CA CYS B 191 -22.13 -9.51 -24.10
C CYS B 191 -21.38 -8.17 -24.08
N LEU B 192 -22.02 -7.13 -24.66
CA LEU B 192 -21.58 -5.71 -24.69
C LEU B 192 -21.32 -5.20 -23.27
N SER B 193 -22.34 -5.22 -22.40
CA SER B 193 -22.23 -4.70 -21.02
C SER B 193 -21.25 -5.57 -20.19
N ARG B 194 -20.92 -6.80 -20.61
CA ARG B 194 -19.95 -7.67 -19.88
C ARG B 194 -18.52 -7.34 -20.33
N LEU B 195 -18.30 -6.92 -21.59
CA LEU B 195 -17.02 -6.31 -22.05
C LEU B 195 -16.75 -5.01 -21.27
N LEU B 196 -17.74 -4.13 -21.23
CA LEU B 196 -17.68 -2.82 -20.53
C LEU B 196 -17.49 -3.05 -19.02
N GLY B 197 -18.03 -4.13 -18.47
CA GLY B 197 -17.89 -4.55 -17.05
C GLY B 197 -16.42 -4.75 -16.66
N LYS B 198 -15.53 -4.99 -17.63
CA LYS B 198 -14.08 -5.18 -17.40
C LYS B 198 -13.35 -3.86 -17.09
N LEU B 199 -13.82 -2.71 -17.57
CA LEU B 199 -13.11 -1.42 -17.35
C LEU B 199 -13.03 -1.08 -15.84
N PRO B 200 -14.15 -1.15 -15.08
CA PRO B 200 -14.11 -0.96 -13.63
C PRO B 200 -13.24 -1.95 -12.84
N GLU B 201 -13.18 -3.24 -13.19
CA GLU B 201 -12.33 -4.22 -12.44
C GLU B 201 -10.85 -3.86 -12.68
N LEU B 202 -10.58 -3.42 -13.91
CA LEU B 202 -9.27 -2.94 -14.39
C LEU B 202 -8.80 -1.72 -13.59
N ARG B 203 -9.69 -0.78 -13.23
CA ARG B 203 -9.37 0.33 -12.29
C ARG B 203 -9.03 -0.23 -10.90
N THR B 204 -9.81 -1.16 -10.36
CA THR B 204 -9.43 -1.76 -9.04
C THR B 204 -8.01 -2.35 -9.13
N LEU B 205 -7.68 -3.05 -10.22
CA LEU B 205 -6.33 -3.61 -10.42
C LEU B 205 -5.26 -2.52 -10.51
N CYS B 206 -5.52 -1.43 -11.22
CA CYS B 206 -4.68 -0.22 -11.31
C CYS B 206 -4.25 0.19 -9.89
N THR B 207 -5.20 0.33 -8.97
CA THR B 207 -4.94 0.70 -7.55
C THR B 207 -3.87 -0.20 -6.92
N GLN B 208 -3.96 -1.50 -7.12
CA GLN B 208 -2.96 -2.46 -6.58
C GLN B 208 -1.56 -2.13 -7.16
N GLY B 209 -1.50 -1.73 -8.43
CA GLY B 209 -0.24 -1.28 -9.05
C GLY B 209 0.32 -0.08 -8.30
N LEU B 210 -0.52 0.90 -7.98
CA LEU B 210 -0.05 2.11 -7.25
C LEU B 210 0.45 1.68 -5.86
N GLN B 211 -0.25 0.73 -5.24
CA GLN B 211 0.14 0.19 -3.90
C GLN B 211 1.51 -0.47 -3.98
N ARG B 212 1.74 -1.23 -5.04
CA ARG B 212 3.00 -1.95 -5.23
C ARG B 212 4.14 -0.93 -5.39
N ILE B 213 3.92 0.12 -6.19
CA ILE B 213 4.98 1.12 -6.48
C ILE B 213 5.26 1.89 -5.19
N PHE B 214 4.23 2.31 -4.49
CA PHE B 214 4.36 2.94 -3.15
C PHE B 214 5.25 2.06 -2.29
N TYR B 215 4.92 0.78 -2.17
CA TYR B 215 5.67 -0.18 -1.33
C TYR B 215 7.14 -0.21 -1.76
N LEU B 216 7.39 -0.29 -3.06
CA LEU B 216 8.77 -0.40 -3.60
C LEU B 216 9.53 0.92 -3.37
N LYS B 217 8.84 2.05 -3.47
CA LYS B 217 9.45 3.38 -3.21
C LYS B 217 9.84 3.48 -1.73
N LEU B 218 8.95 3.02 -0.82
CA LEU B 218 9.22 2.91 0.65
C LEU B 218 10.51 2.12 0.89
N GLU B 219 10.62 0.92 0.32
CA GLU B 219 11.72 -0.04 0.58
C GLU B 219 13.01 0.50 -0.05
N ASP B 220 12.91 1.09 -1.25
CA ASP B 220 14.04 1.79 -1.94
C ASP B 220 15.21 0.83 -2.23
N LEU B 221 14.98 -0.44 -2.56
CA LEU B 221 16.10 -1.27 -3.10
C LEU B 221 16.65 -0.63 -4.39
N VAL B 222 15.80 -0.36 -5.37
CA VAL B 222 16.21 0.50 -6.52
C VAL B 222 15.10 1.51 -6.77
N PRO B 223 15.46 2.76 -7.07
CA PRO B 223 14.44 3.79 -7.23
C PRO B 223 13.69 3.56 -8.53
N PRO B 224 12.42 3.98 -8.65
CA PRO B 224 11.69 3.85 -9.90
C PRO B 224 12.34 4.75 -10.95
N PRO B 225 12.32 4.38 -12.24
CA PRO B 225 12.81 5.30 -13.27
C PRO B 225 11.93 6.55 -13.30
N PRO B 226 12.50 7.71 -13.70
CA PRO B 226 11.79 8.98 -13.66
C PRO B 226 10.39 8.99 -14.29
N ILE B 227 10.21 8.32 -15.43
CA ILE B 227 8.90 8.36 -16.15
C ILE B 227 7.83 7.59 -15.36
N ILE B 228 8.18 6.46 -14.73
CA ILE B 228 7.20 5.71 -13.88
C ILE B 228 6.89 6.53 -12.63
N ASP B 229 7.93 7.08 -12.01
CA ASP B 229 7.81 7.96 -10.82
C ASP B 229 6.86 9.12 -11.09
N LYS B 230 6.95 9.73 -12.27
CA LYS B 230 6.12 10.90 -12.65
C LYS B 230 4.66 10.42 -12.76
N ILE B 231 4.45 9.29 -13.42
CA ILE B 231 3.09 8.73 -13.62
C ILE B 231 2.49 8.43 -12.24
N PHE B 232 3.27 7.79 -11.36
CA PHE B 232 2.84 7.47 -9.99
C PHE B 232 2.41 8.76 -9.30
N MET B 233 3.28 9.77 -9.27
CA MET B 233 3.00 11.03 -8.52
C MET B 233 1.81 11.74 -9.17
N ASP B 234 1.78 11.85 -10.50
CA ASP B 234 0.76 12.67 -11.22
C ASP B 234 -0.61 11.98 -11.13
N THR B 235 -0.69 10.73 -10.69
CA THR B 235 -1.97 9.96 -10.72
C THR B 235 -2.49 9.74 -9.30
N LEU B 236 -1.90 10.41 -8.32
CA LEU B 236 -2.35 10.40 -6.92
C LEU B 236 -3.28 11.59 -6.71
N PRO B 237 -4.61 11.39 -6.48
CA PRO B 237 -5.52 12.51 -6.20
C PRO B 237 -5.33 13.34 -4.92
N PHE B 238 -4.09 13.68 -4.51
CA PHE B 238 -3.78 14.48 -3.29
C PHE B 238 -2.37 15.08 -3.38
O01 A1D59 C . 1.69 -10.77 -30.20
C02 A1D59 C . 0.85 -11.18 -29.48
C03 A1D59 C . -0.03 -10.15 -28.79
C04 A1D59 C . 0.34 -8.88 -28.77
C05 A1D59 C . -0.53 -7.82 -28.09
C06 A1D59 C . -1.50 -8.15 -27.11
C07 A1D59 C . -2.28 -7.19 -26.45
C08 A1D59 C . -2.04 -5.86 -26.84
C09 A1D59 C . -1.11 -5.54 -27.82
C10 A1D59 C . -0.36 -6.52 -28.43
N11 A1D59 C . 0.71 -12.61 -29.27
C12 A1D59 C . -0.35 -13.12 -28.41
N13 A1D59 C . -0.04 -13.78 -27.31
C14 A1D59 C . -1.00 -14.24 -26.55
C15 A1D59 C . -2.35 -14.04 -26.84
C16 A1D59 C . -2.73 -13.35 -27.99
C17 A1D59 C . -4.20 -13.13 -28.37
C18 A1D59 C . -5.22 -13.42 -27.46
C19 A1D59 C . -6.54 -13.21 -27.88
N20 A1D59 C . -7.69 -13.50 -27.01
C21 A1D59 C . -7.48 -14.18 -25.64
C22 A1D59 C . -8.73 -14.90 -25.10
C23 A1D59 C . -10.00 -14.25 -25.42
O24 A1D59 C . -10.11 -13.01 -24.75
C25 A1D59 C . -10.20 -14.04 -26.85
C26 A1D59 C . -8.92 -14.15 -27.67
N27 A1D59 C . -6.81 -12.75 -29.11
C28 A1D59 C . -5.86 -12.47 -30.01
C29 A1D59 C . -4.53 -12.66 -29.65
C30 A1D59 C . -1.67 -12.88 -28.80
#